data_1LM8
#
_entry.id   1LM8
#
_cell.length_a   59.5
_cell.length_b   59.5
_cell.length_c   245.4
_cell.angle_alpha   90
_cell.angle_beta   90
_cell.angle_gamma   90
#
_symmetry.space_group_name_H-M   'P 43 21 2'
#
loop_
_entity.id
_entity.type
_entity.pdbx_description
1 polymer 'ELONGIN B'
2 polymer 'ELONGIN C'
3 polymer 'Von Hippel-Lindau disease tumor suppressor'
4 polymer 'Hypoxia-inducible factor 1 alpha'
5 water water
#
loop_
_entity_poly.entity_id
_entity_poly.type
_entity_poly.pdbx_seq_one_letter_code
_entity_poly.pdbx_strand_id
1 'polypeptide(L)'
;MDVFLMIRRHKTTIFTDAKESSTVFELKRIVEGILKRPPDEQRLYKDDQLLDDGKTLGECGFTSQTARPQAPATVGLAFR
ADDTFEALCIEPFSSPPELPDVMKPQDSGSSANEQAVQ
;
B
2 'polypeptide(L)'
;MYVKLISSDGHEFIVKREHALTSGTIKAMLSGPGQFAENETNEVNFREIPSHVLSKVCMYFTYKVRYTNSSTEIPEFPIA
PEIALELLMAANFLDC
;
C
3 'polypeptide(L)'
;MEAGRPRPVLRSVNSREPSQVIFCNRSPRVVLPVWLNFDGEPQPYPTLPPGTGRRIHSYRGHLWLFRDAGTHDGLLVNQT
ELFVPSLNVDGQPIFANITLPVYTLKERCLQVVRSLVKPENYRRLDIVRSLYEDLEDHPNVQKDLERLTQERIAHQRMGD
;
V
4 'polypeptide(L)' DLDLEMLA(HYP)YIPMDDDFQLR H
#
# COMPACT_ATOMS: atom_id res chain seq x y z
N MET A 1 -6.52 2.91 -17.15
CA MET A 1 -6.17 1.49 -17.42
C MET A 1 -4.65 1.35 -17.50
N ASP A 2 -3.96 1.83 -16.47
CA ASP A 2 -2.50 1.75 -16.41
C ASP A 2 -2.04 0.38 -15.94
N VAL A 3 -0.92 -0.07 -16.49
CA VAL A 3 -0.35 -1.34 -16.07
C VAL A 3 1.02 -0.97 -15.51
N PHE A 4 1.40 -1.60 -14.41
CA PHE A 4 2.67 -1.31 -13.78
C PHE A 4 3.62 -2.45 -14.07
N LEU A 5 4.80 -2.10 -14.57
CA LEU A 5 5.78 -3.08 -15.02
C LEU A 5 7.17 -3.00 -14.42
N MET A 6 7.92 -4.09 -14.64
CA MET A 6 9.33 -4.22 -14.28
C MET A 6 9.95 -4.76 -15.58
N ILE A 7 10.74 -3.95 -16.27
CA ILE A 7 11.40 -4.36 -17.52
C ILE A 7 12.78 -4.81 -17.07
N ARG A 8 13.07 -6.09 -17.25
CA ARG A 8 14.30 -6.66 -16.76
C ARG A 8 15.24 -7.30 -17.80
N ARG A 9 16.53 -7.03 -17.63
CA ARG A 9 17.58 -7.58 -18.50
C ARG A 9 18.83 -7.77 -17.63
N HIS A 10 19.38 -8.98 -17.60
CA HIS A 10 20.57 -9.26 -16.78
C HIS A 10 20.37 -8.77 -15.34
N LYS A 11 21.20 -7.84 -14.88
CA LYS A 11 21.06 -7.32 -13.51
C LYS A 11 20.42 -5.94 -13.42
N THR A 12 19.65 -5.57 -14.44
CA THR A 12 19.00 -4.27 -14.48
C THR A 12 17.48 -4.40 -14.55
N THR A 13 16.76 -3.62 -13.73
CA THR A 13 15.31 -3.62 -13.86
C THR A 13 14.76 -2.20 -13.75
N ILE A 14 13.89 -1.89 -14.69
CA ILE A 14 13.26 -0.58 -14.81
C ILE A 14 11.81 -0.67 -14.36
N PHE A 15 11.44 0.19 -13.40
CA PHE A 15 10.05 0.22 -12.96
C PHE A 15 9.38 1.33 -13.72
N THR A 16 8.28 1.01 -14.41
CA THR A 16 7.56 2.03 -15.14
C THR A 16 6.10 1.61 -15.33
N ASP A 17 5.26 2.56 -15.71
CA ASP A 17 3.85 2.27 -15.96
C ASP A 17 3.53 2.70 -17.38
N ALA A 18 2.46 2.13 -17.93
CA ALA A 18 2.03 2.44 -19.29
C ALA A 18 0.55 2.12 -19.39
N LYS A 19 -0.10 2.62 -20.43
CA LYS A 19 -1.53 2.38 -20.62
C LYS A 19 -1.78 1.04 -21.31
N GLU A 20 -2.81 0.30 -20.91
CA GLU A 20 -3.14 -0.97 -21.54
C GLU A 20 -3.32 -0.69 -23.04
N SER A 21 -3.69 0.54 -23.37
CA SER A 21 -3.90 0.92 -24.76
C SER A 21 -2.63 1.33 -25.52
N SER A 22 -1.51 1.51 -24.82
CA SER A 22 -0.29 1.91 -25.53
C SER A 22 0.34 0.69 -26.20
N THR A 23 1.21 0.91 -27.19
CA THR A 23 1.82 -0.21 -27.90
C THR A 23 3.18 -0.67 -27.37
N VAL A 24 3.61 -1.83 -27.86
CA VAL A 24 4.90 -2.39 -27.51
C VAL A 24 5.95 -1.42 -28.02
N PHE A 25 5.74 -0.90 -29.23
CA PHE A 25 6.70 0.06 -29.82
C PHE A 25 6.84 1.28 -28.89
N GLU A 26 5.72 1.74 -28.32
CA GLU A 26 5.80 2.88 -27.41
C GLU A 26 6.55 2.52 -26.14
N LEU A 27 6.49 1.24 -25.75
CA LEU A 27 7.21 0.80 -24.55
C LEU A 27 8.70 0.82 -24.87
N LYS A 28 9.05 0.40 -26.08
CA LYS A 28 10.45 0.42 -26.49
C LYS A 28 10.98 1.86 -26.47
N ARG A 29 10.12 2.83 -26.80
CA ARG A 29 10.56 4.22 -26.79
C ARG A 29 10.93 4.63 -25.36
N ILE A 30 10.16 4.13 -24.40
CA ILE A 30 10.45 4.43 -23.00
C ILE A 30 11.82 3.86 -22.65
N VAL A 31 12.06 2.61 -23.06
CA VAL A 31 13.31 1.94 -22.78
C VAL A 31 14.50 2.64 -23.46
N GLU A 32 14.25 3.17 -24.65
CA GLU A 32 15.29 3.86 -25.42
C GLU A 32 15.75 5.11 -24.70
N GLY A 33 14.82 5.82 -24.10
CA GLY A 33 15.16 7.02 -23.38
C GLY A 33 16.01 6.72 -22.17
N ILE A 34 15.83 5.54 -21.60
CA ILE A 34 16.58 5.15 -20.41
C ILE A 34 17.90 4.44 -20.69
N LEU A 35 17.88 3.44 -21.57
CA LEU A 35 19.07 2.67 -21.87
C LEU A 35 19.80 3.00 -23.19
N LYS A 36 19.30 4.01 -23.90
CA LYS A 36 19.92 4.46 -25.14
C LYS A 36 20.11 3.46 -26.28
N ARG A 37 19.09 2.64 -26.52
CA ARG A 37 19.13 1.69 -27.62
C ARG A 37 17.77 1.78 -28.31
N PRO A 38 17.76 2.07 -29.62
CA PRO A 38 16.54 2.22 -30.40
C PRO A 38 15.63 1.00 -30.40
N PRO A 39 14.33 1.21 -30.69
CA PRO A 39 13.36 0.12 -30.72
C PRO A 39 13.76 -1.05 -31.61
N ASP A 40 14.39 -0.76 -32.75
CA ASP A 40 14.77 -1.84 -33.65
C ASP A 40 15.97 -2.68 -33.22
N GLU A 41 16.48 -2.38 -32.03
CA GLU A 41 17.61 -3.11 -31.44
C GLU A 41 17.17 -3.76 -30.12
N GLN A 42 15.86 -3.70 -29.86
CA GLN A 42 15.29 -4.25 -28.63
C GLN A 42 14.34 -5.39 -28.90
N ARG A 43 14.29 -6.35 -27.98
CA ARG A 43 13.35 -7.47 -28.05
C ARG A 43 12.67 -7.49 -26.66
N LEU A 44 11.35 -7.34 -26.64
CA LEU A 44 10.60 -7.35 -25.37
C LEU A 44 9.81 -8.64 -25.27
N TYR A 45 9.72 -9.19 -24.06
CA TYR A 45 9.02 -10.46 -23.87
C TYR A 45 8.05 -10.50 -22.70
N LYS A 46 7.03 -11.35 -22.83
CA LYS A 46 6.08 -11.61 -21.75
C LYS A 46 6.37 -13.11 -21.63
N ASP A 47 7.11 -13.47 -20.59
CA ASP A 47 7.54 -14.86 -20.40
C ASP A 47 8.47 -15.14 -21.59
N ASP A 48 8.23 -16.19 -22.37
CA ASP A 48 9.11 -16.45 -23.50
C ASP A 48 8.54 -16.00 -24.84
N GLN A 49 7.43 -15.25 -24.81
CA GLN A 49 6.80 -14.77 -26.03
C GLN A 49 7.32 -13.39 -26.45
N LEU A 50 7.88 -13.30 -27.65
CA LEU A 50 8.39 -12.03 -28.16
C LEU A 50 7.17 -11.17 -28.49
N LEU A 51 7.14 -9.94 -27.97
CA LEU A 51 6.02 -9.04 -28.20
C LEU A 51 6.19 -8.26 -29.51
N ASP A 52 5.16 -8.29 -30.33
CA ASP A 52 5.18 -7.59 -31.62
C ASP A 52 5.01 -6.08 -31.44
N ASP A 53 5.84 -5.32 -32.16
CA ASP A 53 5.84 -3.85 -32.11
C ASP A 53 4.47 -3.17 -32.21
N GLY A 54 3.64 -3.67 -33.10
CA GLY A 54 2.34 -3.06 -33.33
C GLY A 54 1.17 -3.37 -32.42
N LYS A 55 1.33 -4.35 -31.51
CA LYS A 55 0.25 -4.74 -30.60
C LYS A 55 0.22 -3.87 -29.34
N THR A 56 -0.96 -3.72 -28.74
CA THR A 56 -1.07 -2.94 -27.51
C THR A 56 -0.69 -3.88 -26.36
N LEU A 57 -0.33 -3.30 -25.22
CA LEU A 57 0.04 -4.09 -24.06
C LEU A 57 -1.15 -4.98 -23.66
N GLY A 58 -2.36 -4.46 -23.83
CA GLY A 58 -3.55 -5.22 -23.53
C GLY A 58 -3.66 -6.40 -24.47
N GLU A 59 -3.49 -6.17 -25.77
CA GLU A 59 -3.57 -7.26 -26.73
C GLU A 59 -2.49 -8.31 -26.45
N CYS A 60 -1.43 -7.90 -25.75
CA CYS A 60 -0.33 -8.80 -25.40
C CYS A 60 -0.58 -9.60 -24.12
N GLY A 61 -1.67 -9.29 -23.42
CA GLY A 61 -1.96 -10.03 -22.21
C GLY A 61 -1.75 -9.31 -20.90
N PHE A 62 -1.28 -8.07 -20.94
CA PHE A 62 -1.08 -7.32 -19.72
C PHE A 62 -2.41 -6.67 -19.32
N THR A 63 -2.72 -6.73 -18.02
CA THR A 63 -3.97 -6.14 -17.52
C THR A 63 -3.69 -5.45 -16.19
N SER A 64 -4.35 -4.33 -15.95
CA SER A 64 -4.15 -3.60 -14.70
C SER A 64 -4.48 -4.48 -13.50
N GLN A 65 -5.36 -5.45 -13.71
CA GLN A 65 -5.76 -6.35 -12.64
C GLN A 65 -4.63 -7.26 -12.14
N THR A 66 -3.62 -7.47 -12.98
CA THR A 66 -2.50 -8.30 -12.57
C THR A 66 -1.21 -7.50 -12.43
N ALA A 67 -1.01 -6.54 -13.34
CA ALA A 67 0.19 -5.68 -13.32
C ALA A 67 -0.09 -4.49 -12.42
N ARG A 68 -0.07 -4.72 -11.11
CA ARG A 68 -0.36 -3.63 -10.17
C ARG A 68 0.88 -2.98 -9.57
N PRO A 69 0.72 -1.77 -9.02
CA PRO A 69 1.83 -1.01 -8.41
C PRO A 69 2.66 -1.84 -7.44
N GLN A 70 1.98 -2.55 -6.53
CA GLN A 70 2.63 -3.36 -5.51
C GLN A 70 3.07 -4.76 -5.93
N ALA A 71 2.74 -5.15 -7.16
CA ALA A 71 3.11 -6.45 -7.71
C ALA A 71 3.14 -6.29 -9.24
N PRO A 72 4.10 -5.50 -9.74
CA PRO A 72 4.24 -5.25 -11.18
C PRO A 72 4.50 -6.50 -12.01
N ALA A 73 4.06 -6.47 -13.28
CA ALA A 73 4.26 -7.60 -14.19
C ALA A 73 5.67 -7.50 -14.79
N THR A 74 6.32 -8.63 -15.03
CA THR A 74 7.67 -8.61 -15.61
C THR A 74 7.70 -8.64 -17.13
N VAL A 75 8.50 -7.74 -17.71
CA VAL A 75 8.68 -7.68 -19.16
C VAL A 75 10.16 -7.98 -19.40
N GLY A 76 10.45 -9.05 -20.14
CA GLY A 76 11.84 -9.40 -20.43
C GLY A 76 12.41 -8.52 -21.52
N LEU A 77 13.71 -8.23 -21.44
CA LEU A 77 14.36 -7.38 -22.45
C LEU A 77 15.69 -7.99 -22.90
N ALA A 78 15.93 -7.98 -24.21
CA ALA A 78 17.19 -8.47 -24.79
C ALA A 78 17.59 -7.47 -25.86
N PHE A 79 18.89 -7.30 -26.07
CA PHE A 79 19.38 -6.36 -27.08
C PHE A 79 19.95 -7.11 -28.30
N ARG A 80 19.83 -6.49 -29.47
CA ARG A 80 20.32 -7.08 -30.70
C ARG A 80 21.81 -6.81 -30.87
N ALA A 81 22.47 -7.72 -31.60
CA ALA A 81 23.89 -7.62 -31.91
C ALA A 81 23.95 -7.77 -33.44
N ASP A 82 24.99 -7.24 -34.07
CA ASP A 82 25.06 -7.32 -35.54
C ASP A 82 25.41 -8.68 -36.15
N ASP A 83 26.09 -9.55 -35.40
CA ASP A 83 26.45 -10.86 -35.95
C ASP A 83 26.17 -12.01 -34.98
N THR A 84 25.65 -11.70 -33.80
CA THR A 84 25.34 -12.72 -32.81
C THR A 84 23.94 -12.55 -32.23
N PHE A 85 23.47 -13.56 -31.52
CA PHE A 85 22.14 -13.55 -30.88
C PHE A 85 22.34 -13.59 -29.36
N GLU A 86 21.80 -12.57 -28.67
CA GLU A 86 21.96 -12.46 -27.21
C GLU A 86 21.29 -13.47 -26.30
N ALA A 87 20.00 -13.73 -26.50
CA ALA A 87 19.29 -14.69 -25.65
C ALA A 87 18.84 -14.03 -24.34
N LEU A 88 17.53 -14.06 -24.12
CA LEU A 88 16.91 -13.47 -22.93
C LEU A 88 17.46 -14.09 -21.65
N CYS A 89 17.96 -13.24 -20.76
CA CYS A 89 18.49 -13.71 -19.48
C CYS A 89 18.18 -12.68 -18.39
N ILE A 90 17.39 -13.10 -17.41
CA ILE A 90 17.03 -12.23 -16.29
C ILE A 90 17.66 -12.81 -15.03
N GLU A 91 18.64 -12.10 -14.46
CA GLU A 91 19.31 -12.58 -13.24
C GLU A 91 18.38 -12.50 -12.05
N PRO A 92 18.27 -13.60 -11.29
CA PRO A 92 17.41 -13.67 -10.09
C PRO A 92 17.89 -12.73 -8.99
N PHE A 93 16.96 -12.30 -8.14
CA PHE A 93 17.31 -11.44 -7.01
C PHE A 93 17.93 -12.36 -5.96
N SER A 94 18.41 -11.78 -4.86
CA SER A 94 19.00 -12.55 -3.79
C SER A 94 17.88 -13.23 -3.02
N SER A 95 18.24 -14.12 -2.08
CA SER A 95 17.26 -14.81 -1.24
C SER A 95 17.46 -14.41 0.21
N PRO A 96 16.37 -14.30 0.98
CA PRO A 96 16.46 -13.93 2.40
C PRO A 96 16.92 -15.10 3.25
N PRO A 97 17.37 -14.82 4.48
CA PRO A 97 17.84 -15.85 5.40
C PRO A 97 16.64 -16.60 5.96
N GLU A 98 16.89 -17.63 6.75
CA GLU A 98 15.81 -18.39 7.34
C GLU A 98 14.95 -17.55 8.28
N LEU A 99 13.64 -17.77 8.21
CA LEU A 99 12.69 -17.07 9.07
C LEU A 99 13.07 -17.38 10.51
N PRO A 100 13.37 -16.34 11.32
CA PRO A 100 13.74 -16.58 12.72
C PRO A 100 12.68 -17.36 13.50
N ASP A 101 13.13 -18.24 14.39
CA ASP A 101 12.25 -19.08 15.20
C ASP A 101 11.10 -18.32 15.86
N VAL A 102 11.40 -17.14 16.38
CA VAL A 102 10.39 -16.33 17.06
C VAL A 102 9.26 -15.89 16.12
N MET A 103 9.49 -15.95 14.81
CA MET A 103 8.47 -15.54 13.86
C MET A 103 7.77 -16.72 13.21
N LYS A 104 8.17 -17.93 13.59
CA LYS A 104 7.56 -19.13 13.05
C LYS A 104 6.33 -19.47 13.88
N PRO A 105 5.28 -20.03 13.25
CA PRO A 105 4.06 -20.40 13.96
C PRO A 105 4.35 -21.37 15.10
N GLN A 106 4.77 -20.83 16.24
CA GLN A 106 5.09 -21.63 17.41
C GLN A 106 4.03 -21.48 18.48
N MET B 1 14.70 13.00 -14.12
CA MET B 1 13.68 12.11 -14.76
C MET B 1 13.68 10.74 -14.06
N TYR B 2 14.83 10.06 -14.07
CA TYR B 2 14.97 8.74 -13.45
C TYR B 2 16.19 8.67 -12.54
N VAL B 3 16.11 7.86 -11.50
CA VAL B 3 17.23 7.67 -10.58
C VAL B 3 17.57 6.17 -10.56
N LYS B 4 18.85 5.84 -10.47
CA LYS B 4 19.28 4.44 -10.43
C LYS B 4 19.77 4.05 -9.03
N LEU B 5 19.11 3.09 -8.40
CA LEU B 5 19.48 2.62 -7.07
C LEU B 5 20.23 1.31 -7.19
N ILE B 6 21.38 1.21 -6.51
CA ILE B 6 22.22 0.00 -6.56
C ILE B 6 22.19 -0.83 -5.28
N SER B 7 21.89 -2.12 -5.41
CA SER B 7 21.81 -2.98 -4.23
C SER B 7 23.14 -3.64 -3.91
N SER B 8 23.18 -4.34 -2.78
CA SER B 8 24.39 -5.00 -2.32
C SER B 8 24.95 -6.02 -3.30
N ASP B 9 24.08 -6.75 -3.99
CA ASP B 9 24.57 -7.74 -4.94
C ASP B 9 24.74 -7.26 -6.37
N GLY B 10 24.74 -5.94 -6.55
CA GLY B 10 24.95 -5.37 -7.87
C GLY B 10 23.75 -5.15 -8.77
N HIS B 11 22.56 -5.53 -8.31
CA HIS B 11 21.38 -5.30 -9.15
C HIS B 11 21.12 -3.79 -9.23
N GLU B 12 20.70 -3.33 -10.40
CA GLU B 12 20.40 -1.92 -10.60
C GLU B 12 18.89 -1.74 -10.77
N PHE B 13 18.31 -0.81 -10.02
CA PHE B 13 16.88 -0.53 -10.10
C PHE B 13 16.68 0.91 -10.56
N ILE B 14 16.03 1.09 -11.69
CA ILE B 14 15.81 2.42 -12.24
C ILE B 14 14.36 2.80 -12.04
N VAL B 15 14.12 3.88 -11.31
CA VAL B 15 12.77 4.34 -11.05
C VAL B 15 12.62 5.84 -11.33
N LYS B 16 11.38 6.28 -11.56
CA LYS B 16 11.12 7.69 -11.82
C LYS B 16 11.58 8.52 -10.63
N ARG B 17 12.17 9.68 -10.90
CA ARG B 17 12.66 10.52 -9.81
C ARG B 17 11.56 10.83 -8.79
N GLU B 18 10.37 11.22 -9.26
CA GLU B 18 9.29 11.57 -8.34
C GLU B 18 8.93 10.42 -7.39
N HIS B 19 9.02 9.19 -7.87
CA HIS B 19 8.71 8.02 -7.04
C HIS B 19 9.75 7.83 -5.95
N ALA B 20 11.02 7.99 -6.32
CA ALA B 20 12.14 7.81 -5.40
C ALA B 20 12.06 8.80 -4.23
N LEU B 21 11.49 9.98 -4.49
CA LEU B 21 11.35 10.99 -3.46
C LEU B 21 10.39 10.56 -2.36
N THR B 22 9.70 9.44 -2.57
CA THR B 22 8.79 8.90 -1.57
C THR B 22 9.64 8.62 -0.35
N SER B 23 10.92 8.35 -0.59
CA SER B 23 11.87 8.10 0.48
C SER B 23 12.35 9.45 1.00
N GLY B 24 12.13 9.71 2.29
CA GLY B 24 12.58 10.97 2.86
C GLY B 24 14.10 11.06 2.76
N THR B 25 14.77 9.92 2.91
CA THR B 25 16.22 9.88 2.84
C THR B 25 16.70 10.28 1.44
N ILE B 26 16.08 9.72 0.41
CA ILE B 26 16.47 10.06 -0.95
C ILE B 26 16.06 11.51 -1.29
N LYS B 27 14.90 11.93 -0.81
CA LYS B 27 14.43 13.29 -1.08
C LYS B 27 15.46 14.32 -0.60
N ALA B 28 15.93 14.15 0.63
CA ALA B 28 16.91 15.06 1.20
C ALA B 28 18.23 15.02 0.43
N MET B 29 18.62 13.83 -0.04
CA MET B 29 19.87 13.69 -0.78
C MET B 29 19.86 14.45 -2.10
N LEU B 30 18.72 14.44 -2.79
CA LEU B 30 18.62 15.08 -4.09
C LEU B 30 17.96 16.47 -4.05
N SER B 31 17.76 17.00 -2.86
CA SER B 31 17.12 18.31 -2.68
C SER B 31 17.96 19.51 -3.10
N GLY B 32 19.28 19.33 -3.18
CA GLY B 32 20.16 20.42 -3.56
C GLY B 32 19.94 21.00 -4.95
N PRO B 33 20.55 22.16 -5.25
CA PRO B 33 20.41 22.79 -6.57
C PRO B 33 20.96 21.91 -7.69
N ASN B 42 20.33 10.22 -12.02
CA ASN B 42 21.22 10.16 -10.83
C ASN B 42 21.43 8.73 -10.36
N GLU B 43 22.60 8.45 -9.81
CA GLU B 43 22.91 7.13 -9.29
C GLU B 43 23.13 7.20 -7.79
N VAL B 44 22.43 6.35 -7.05
CA VAL B 44 22.55 6.32 -5.60
C VAL B 44 22.87 4.91 -5.14
N ASN B 45 23.94 4.77 -4.37
CA ASN B 45 24.33 3.46 -3.88
C ASN B 45 23.73 3.13 -2.52
N PHE B 46 23.11 1.95 -2.45
CA PHE B 46 22.51 1.44 -1.22
C PHE B 46 22.99 0.01 -1.12
N ARG B 47 24.29 -0.15 -1.24
CA ARG B 47 24.94 -1.45 -1.21
C ARG B 47 24.84 -2.22 0.10
N GLU B 48 24.04 -1.74 1.04
CA GLU B 48 23.85 -2.44 2.30
C GLU B 48 22.50 -3.15 2.24
N ILE B 49 21.72 -2.85 1.20
CA ILE B 49 20.40 -3.45 1.02
C ILE B 49 20.43 -4.48 -0.11
N PRO B 50 20.05 -5.74 0.19
CA PRO B 50 20.03 -6.80 -0.83
C PRO B 50 18.93 -6.61 -1.87
N SER B 51 19.12 -7.16 -3.06
CA SER B 51 18.12 -6.99 -4.12
C SER B 51 16.72 -7.49 -3.78
N HIS B 52 16.58 -8.55 -3.00
CA HIS B 52 15.24 -9.03 -2.68
C HIS B 52 14.48 -8.03 -1.81
N VAL B 53 15.21 -7.10 -1.21
CA VAL B 53 14.60 -6.07 -0.38
C VAL B 53 14.43 -4.79 -1.18
N LEU B 54 15.49 -4.35 -1.85
CA LEU B 54 15.41 -3.12 -2.65
C LEU B 54 14.31 -3.19 -3.71
N SER B 55 14.10 -4.37 -4.28
CA SER B 55 13.05 -4.50 -5.27
C SER B 55 11.67 -4.18 -4.65
N LYS B 56 11.41 -4.69 -3.45
CA LYS B 56 10.12 -4.43 -2.78
C LYS B 56 10.00 -2.96 -2.44
N VAL B 57 11.11 -2.34 -2.03
CA VAL B 57 11.10 -0.90 -1.72
C VAL B 57 10.62 -0.12 -2.95
N CYS B 58 11.16 -0.44 -4.14
CA CYS B 58 10.75 0.28 -5.33
C CYS B 58 9.27 0.05 -5.61
N MET B 59 8.77 -1.16 -5.36
CA MET B 59 7.34 -1.43 -5.59
C MET B 59 6.55 -0.56 -4.60
N TYR B 60 7.09 -0.34 -3.41
CA TYR B 60 6.38 0.49 -2.44
C TYR B 60 6.31 1.93 -2.95
N PHE B 61 7.37 2.42 -3.58
CA PHE B 61 7.36 3.79 -4.14
C PHE B 61 6.21 3.91 -5.17
N THR B 62 6.09 2.92 -6.04
CA THR B 62 5.04 2.98 -7.06
C THR B 62 3.64 2.98 -6.42
N TYR B 63 3.47 2.09 -5.43
CA TYR B 63 2.22 1.94 -4.69
C TYR B 63 1.85 3.25 -3.97
N LYS B 64 2.80 3.81 -3.25
CA LYS B 64 2.55 5.06 -2.53
C LYS B 64 2.11 6.18 -3.46
N VAL B 65 2.83 6.38 -4.56
CA VAL B 65 2.47 7.43 -5.50
C VAL B 65 1.10 7.22 -6.16
N ARG B 66 0.82 5.98 -6.55
CA ARG B 66 -0.45 5.70 -7.18
C ARG B 66 -1.65 5.83 -6.26
N TYR B 67 -1.57 5.29 -5.05
CA TYR B 67 -2.73 5.34 -4.15
C TYR B 67 -2.87 6.55 -3.24
N THR B 68 -1.83 7.37 -3.15
CA THR B 68 -1.92 8.57 -2.33
C THR B 68 -2.81 9.55 -3.08
N ASN B 69 -3.71 10.23 -2.36
CA ASN B 69 -4.63 11.18 -2.98
C ASN B 69 -5.58 10.48 -3.94
N SER B 70 -6.03 9.30 -3.58
CA SER B 70 -6.96 8.55 -4.44
C SER B 70 -8.13 8.04 -3.62
N SER B 71 -9.31 8.03 -4.23
CA SER B 71 -10.49 7.54 -3.55
C SER B 71 -10.80 6.10 -3.96
N THR B 72 -9.89 5.47 -4.70
CA THR B 72 -10.10 4.10 -5.15
C THR B 72 -9.84 3.12 -4.02
N GLU B 73 -10.41 1.93 -4.13
CA GLU B 73 -10.19 0.93 -3.10
C GLU B 73 -8.71 0.60 -3.08
N ILE B 74 -8.07 0.77 -1.93
CA ILE B 74 -6.64 0.51 -1.78
C ILE B 74 -6.36 -0.94 -1.37
N PRO B 75 -5.50 -1.64 -2.13
CA PRO B 75 -5.17 -3.03 -1.79
C PRO B 75 -4.07 -3.07 -0.73
N GLU B 76 -3.90 -4.22 -0.10
CA GLU B 76 -2.89 -4.36 0.93
C GLU B 76 -1.51 -4.35 0.26
N PHE B 77 -0.49 -3.78 0.91
CA PHE B 77 0.86 -3.85 0.35
C PHE B 77 1.37 -5.19 0.90
N PRO B 78 1.63 -6.16 0.02
CA PRO B 78 2.11 -7.48 0.46
C PRO B 78 3.55 -7.57 0.95
N ILE B 79 3.74 -8.27 2.06
CA ILE B 79 5.08 -8.46 2.61
C ILE B 79 5.20 -9.90 3.13
N ALA B 80 6.02 -10.70 2.46
CA ALA B 80 6.22 -12.10 2.86
C ALA B 80 6.92 -12.10 4.21
N PRO B 81 6.52 -13.02 5.10
CA PRO B 81 7.13 -13.10 6.43
C PRO B 81 8.66 -13.14 6.43
N GLU B 82 9.26 -13.85 5.48
CA GLU B 82 10.72 -13.96 5.48
C GLU B 82 11.52 -12.72 5.06
N ILE B 83 10.87 -11.70 4.52
CA ILE B 83 11.61 -10.48 4.17
C ILE B 83 11.23 -9.31 5.09
N ALA B 84 10.24 -9.54 5.95
CA ALA B 84 9.73 -8.50 6.86
C ALA B 84 10.76 -7.74 7.71
N LEU B 85 11.67 -8.47 8.36
CA LEU B 85 12.66 -7.79 9.21
C LEU B 85 13.62 -6.91 8.41
N GLU B 86 14.14 -7.43 7.31
CA GLU B 86 15.06 -6.67 6.47
C GLU B 86 14.34 -5.47 5.84
N LEU B 87 13.10 -5.67 5.44
CA LEU B 87 12.35 -4.58 4.82
C LEU B 87 12.09 -3.49 5.84
N LEU B 88 11.83 -3.90 7.08
CA LEU B 88 11.54 -2.96 8.16
C LEU B 88 12.78 -2.10 8.41
N MET B 89 13.95 -2.73 8.42
CA MET B 89 15.17 -1.98 8.63
C MET B 89 15.43 -1.04 7.47
N ALA B 90 15.11 -1.45 6.24
CA ALA B 90 15.31 -0.57 5.10
C ALA B 90 14.32 0.60 5.12
N ALA B 91 13.07 0.34 5.48
CA ALA B 91 12.05 1.39 5.53
C ALA B 91 12.43 2.44 6.58
N ASN B 92 12.99 1.96 7.69
CA ASN B 92 13.43 2.84 8.76
C ASN B 92 14.58 3.71 8.25
N PHE B 93 15.54 3.07 7.60
CA PHE B 93 16.72 3.71 7.03
C PHE B 93 16.37 4.72 5.94
N LEU B 94 15.45 4.34 5.06
CA LEU B 94 15.03 5.21 3.97
C LEU B 94 13.97 6.24 4.34
N ASP B 95 13.44 6.15 5.54
CA ASP B 95 12.39 7.08 6.00
C ASP B 95 11.17 7.08 5.08
N CYS B 96 10.50 5.94 4.97
CA CYS B 96 9.31 5.86 4.14
C CYS B 96 8.27 4.84 4.63
N ARG C 7 -13.57 13.27 25.82
CA ARG C 7 -13.79 14.74 25.91
C ARG C 7 -15.10 15.14 25.25
N PRO C 8 -15.64 16.31 25.62
CA PRO C 8 -16.90 16.74 25.00
C PRO C 8 -16.72 17.19 23.55
N VAL C 9 -15.49 17.43 23.13
CA VAL C 9 -15.22 17.86 21.76
C VAL C 9 -15.69 16.76 20.80
N LEU C 10 -14.98 15.63 20.81
CA LEU C 10 -15.37 14.52 19.93
C LEU C 10 -16.37 13.63 20.65
N ARG C 11 -17.65 13.79 20.31
CA ARG C 11 -18.72 13.01 20.92
C ARG C 11 -19.97 13.05 20.05
N SER C 12 -20.87 12.08 20.25
CA SER C 12 -22.11 12.07 19.48
C SER C 12 -23.09 13.00 20.18
N VAL C 13 -24.01 13.58 19.42
CA VAL C 13 -25.02 14.45 20.01
C VAL C 13 -26.31 13.63 20.06
N ASN C 14 -27.06 13.75 21.15
CA ASN C 14 -28.31 13.00 21.30
C ASN C 14 -29.44 13.69 20.54
N SER C 15 -29.34 13.69 19.22
CA SER C 15 -30.33 14.31 18.36
C SER C 15 -31.68 13.61 18.37
N ARG C 16 -31.66 12.28 18.49
CA ARG C 16 -32.87 11.48 18.47
C ARG C 16 -33.51 11.58 17.09
N GLU C 17 -32.71 11.99 16.12
CA GLU C 17 -33.15 12.11 14.73
C GLU C 17 -32.52 10.97 13.95
N PRO C 18 -33.31 9.92 13.66
CA PRO C 18 -32.83 8.75 12.92
C PRO C 18 -32.23 9.05 11.54
N SER C 19 -31.14 8.33 11.25
CA SER C 19 -30.43 8.46 9.97
C SER C 19 -30.02 7.05 9.53
N GLN C 20 -30.50 6.65 8.36
CA GLN C 20 -30.21 5.33 7.81
C GLN C 20 -28.82 5.33 7.14
N VAL C 21 -27.96 4.41 7.57
CA VAL C 21 -26.60 4.33 7.06
C VAL C 21 -26.21 2.93 6.59
N ILE C 22 -25.29 2.87 5.64
CA ILE C 22 -24.80 1.60 5.13
C ILE C 22 -23.29 1.58 5.30
N PHE C 23 -22.77 0.64 6.09
CA PHE C 23 -21.34 0.50 6.31
C PHE C 23 -20.85 -0.40 5.17
N CYS C 24 -19.89 0.08 4.37
CA CYS C 24 -19.36 -0.71 3.25
C CYS C 24 -17.89 -1.00 3.47
N ASN C 25 -17.53 -2.25 3.72
CA ASN C 25 -16.13 -2.59 3.96
C ASN C 25 -15.39 -2.84 2.65
N ARG C 26 -14.69 -1.81 2.17
CA ARG C 26 -13.91 -1.92 0.94
C ARG C 26 -12.43 -2.02 1.27
N SER C 27 -12.11 -2.89 2.22
CA SER C 27 -10.73 -3.10 2.64
C SER C 27 -10.57 -4.61 2.77
N PRO C 28 -9.32 -5.08 2.94
CA PRO C 28 -9.16 -6.54 3.07
C PRO C 28 -9.16 -6.96 4.53
N ARG C 29 -9.51 -6.04 5.42
CA ARG C 29 -9.51 -6.31 6.84
C ARG C 29 -10.91 -6.57 7.38
N VAL C 30 -10.96 -7.23 8.54
CA VAL C 30 -12.23 -7.46 9.26
C VAL C 30 -12.36 -6.10 9.97
N VAL C 31 -13.43 -5.37 9.67
CA VAL C 31 -13.62 -4.01 10.22
C VAL C 31 -14.45 -3.88 11.49
N LEU C 32 -13.93 -3.13 12.46
CA LEU C 32 -14.63 -2.88 13.73
C LEU C 32 -15.19 -1.45 13.77
N PRO C 33 -16.52 -1.28 13.67
CA PRO C 33 -17.07 0.07 13.73
C PRO C 33 -17.03 0.46 15.21
N VAL C 34 -16.66 1.70 15.51
CA VAL C 34 -16.57 2.18 16.87
C VAL C 34 -17.45 3.42 16.99
N TRP C 35 -18.41 3.37 17.91
CA TRP C 35 -19.32 4.50 18.11
C TRP C 35 -18.81 5.33 19.29
N LEU C 36 -18.78 6.64 19.12
CA LEU C 36 -18.36 7.50 20.22
C LEU C 36 -19.68 7.85 20.92
N ASN C 37 -19.84 7.45 22.17
CA ASN C 37 -21.13 7.73 22.82
C ASN C 37 -21.31 9.19 23.22
N PHE C 38 -22.36 9.47 23.98
CA PHE C 38 -22.65 10.84 24.36
C PHE C 38 -21.62 11.46 25.30
N ASP C 39 -20.76 10.62 25.85
CA ASP C 39 -19.70 11.09 26.74
C ASP C 39 -18.34 10.96 26.05
N GLY C 40 -18.36 10.79 24.74
CA GLY C 40 -17.13 10.66 23.97
C GLY C 40 -16.34 9.38 24.20
N GLU C 41 -16.99 8.37 24.80
CA GLU C 41 -16.33 7.09 25.06
C GLU C 41 -16.57 6.15 23.88
N PRO C 42 -15.51 5.47 23.40
CA PRO C 42 -15.64 4.55 22.26
C PRO C 42 -16.36 3.24 22.60
N GLN C 43 -17.38 2.90 21.81
CA GLN C 43 -18.15 1.66 22.03
C GLN C 43 -18.09 0.80 20.77
N PRO C 44 -17.71 -0.48 20.91
CA PRO C 44 -17.64 -1.34 19.73
C PRO C 44 -19.00 -1.80 19.19
N TYR C 45 -19.06 -2.05 17.88
CA TYR C 45 -20.27 -2.54 17.23
C TYR C 45 -19.86 -3.76 16.41
N PRO C 46 -20.83 -4.60 16.01
CA PRO C 46 -20.54 -5.79 15.20
C PRO C 46 -19.58 -5.55 14.02
N THR C 47 -18.62 -6.44 13.87
CA THR C 47 -17.61 -6.31 12.81
C THR C 47 -18.13 -6.67 11.42
N LEU C 48 -17.41 -6.22 10.40
CA LEU C 48 -17.78 -6.52 9.01
C LEU C 48 -16.67 -7.26 8.28
N PRO C 49 -17.00 -8.40 7.64
CA PRO C 49 -15.98 -9.15 6.91
C PRO C 49 -15.58 -8.35 5.67
N PRO C 50 -14.40 -8.63 5.11
CA PRO C 50 -13.95 -7.92 3.91
C PRO C 50 -14.97 -8.04 2.77
N GLY C 51 -15.15 -6.94 2.03
CA GLY C 51 -16.07 -6.93 0.89
C GLY C 51 -17.55 -7.10 1.19
N THR C 52 -17.96 -6.78 2.41
CA THR C 52 -19.36 -6.91 2.78
C THR C 52 -19.92 -5.56 3.23
N GLY C 53 -21.24 -5.40 3.11
CA GLY C 53 -21.90 -4.17 3.51
C GLY C 53 -23.02 -4.47 4.50
N ARG C 54 -23.45 -3.47 5.25
CA ARG C 54 -24.48 -3.68 6.25
C ARG C 54 -25.28 -2.42 6.57
N ARG C 55 -26.61 -2.57 6.66
CA ARG C 55 -27.48 -1.45 6.99
C ARG C 55 -27.44 -1.18 8.49
N ILE C 56 -27.36 0.10 8.84
CA ILE C 56 -27.28 0.51 10.24
C ILE C 56 -28.31 1.61 10.54
N HIS C 57 -28.94 1.53 11.70
CA HIS C 57 -29.88 2.58 12.10
C HIS C 57 -29.11 3.46 13.07
N SER C 58 -28.67 4.61 12.58
CA SER C 58 -27.92 5.53 13.42
C SER C 58 -28.71 6.82 13.55
N TYR C 59 -28.05 7.90 13.99
CA TYR C 59 -28.73 9.18 14.17
C TYR C 59 -27.90 10.38 13.71
N ARG C 60 -28.59 11.43 13.31
CA ARG C 60 -27.91 12.65 12.88
C ARG C 60 -26.97 13.13 13.96
N GLY C 61 -25.75 13.50 13.57
CA GLY C 61 -24.80 14.01 14.53
C GLY C 61 -24.04 13.02 15.41
N HIS C 62 -24.18 11.73 15.13
CA HIS C 62 -23.43 10.75 15.92
C HIS C 62 -22.07 10.60 15.24
N LEU C 63 -21.05 10.23 16.01
CA LEU C 63 -19.70 10.07 15.48
C LEU C 63 -19.23 8.62 15.45
N TRP C 64 -18.61 8.24 14.33
CA TRP C 64 -18.09 6.89 14.13
C TRP C 64 -16.67 6.90 13.58
N LEU C 65 -15.89 5.91 13.97
CA LEU C 65 -14.55 5.73 13.41
C LEU C 65 -14.42 4.23 13.17
N PHE C 66 -13.42 3.81 12.40
CA PHE C 66 -13.27 2.40 12.08
C PHE C 66 -11.83 1.90 12.17
N ARG C 67 -11.67 0.67 12.66
CA ARG C 67 -10.35 0.06 12.85
C ARG C 67 -10.35 -1.41 12.44
N ASP C 68 -9.15 -1.96 12.34
CA ASP C 68 -8.99 -3.40 12.06
C ASP C 68 -9.45 -4.01 13.39
N ALA C 69 -10.38 -4.95 13.34
CA ALA C 69 -10.90 -5.55 14.58
C ALA C 69 -9.87 -6.23 15.47
N GLY C 70 -8.90 -6.92 14.87
CA GLY C 70 -7.93 -7.61 15.69
C GLY C 70 -6.68 -6.87 16.12
N THR C 71 -6.29 -5.85 15.36
CA THR C 71 -5.09 -5.10 15.66
C THR C 71 -5.35 -3.64 15.99
N HIS C 72 -6.52 -3.15 15.63
CA HIS C 72 -6.90 -1.75 15.82
C HIS C 72 -6.11 -0.81 14.89
N ASP C 73 -5.54 -1.37 13.81
CA ASP C 73 -4.81 -0.56 12.84
C ASP C 73 -5.84 0.46 12.32
N GLY C 74 -5.39 1.68 12.06
CA GLY C 74 -6.30 2.71 11.59
C GLY C 74 -6.85 2.50 10.19
N LEU C 75 -8.11 2.89 10.01
CA LEU C 75 -8.76 2.79 8.71
C LEU C 75 -9.45 4.13 8.47
N LEU C 76 -9.83 4.38 7.22
CA LEU C 76 -10.49 5.63 6.85
C LEU C 76 -11.94 5.36 6.46
N VAL C 77 -12.81 6.35 6.64
CA VAL C 77 -14.20 6.18 6.22
C VAL C 77 -14.49 7.41 5.36
N ASN C 78 -14.82 7.17 4.09
CA ASN C 78 -15.06 8.24 3.13
C ASN C 78 -13.82 9.14 3.06
N GLN C 79 -12.65 8.52 3.04
CA GLN C 79 -11.36 9.19 2.95
C GLN C 79 -10.91 9.96 4.18
N THR C 80 -11.67 9.92 5.25
CA THR C 80 -11.27 10.65 6.45
C THR C 80 -11.35 9.84 7.74
N GLU C 81 -11.06 10.47 8.85
CA GLU C 81 -11.04 9.78 10.13
C GLU C 81 -12.38 9.49 10.79
N LEU C 82 -13.28 10.47 10.74
CA LEU C 82 -14.58 10.34 11.39
C LEU C 82 -15.77 10.41 10.44
N PHE C 83 -16.83 9.68 10.77
CA PHE C 83 -18.04 9.65 9.97
C PHE C 83 -19.21 10.19 10.79
N VAL C 84 -19.92 11.16 10.25
CA VAL C 84 -21.07 11.76 10.94
C VAL C 84 -22.33 11.65 10.11
N PRO C 85 -23.28 10.80 10.54
CA PRO C 85 -24.54 10.62 9.81
C PRO C 85 -25.31 11.94 9.66
N SER C 86 -25.91 12.15 8.49
CA SER C 86 -26.70 13.35 8.24
C SER C 86 -28.16 12.90 8.00
N LEU C 87 -29.09 13.84 7.87
CA LEU C 87 -30.47 13.44 7.63
C LEU C 87 -30.58 12.84 6.21
N ASN C 88 -31.32 11.75 6.09
CA ASN C 88 -31.50 11.09 4.79
C ASN C 88 -32.30 11.95 3.83
N VAL C 89 -31.82 12.06 2.60
CA VAL C 89 -32.51 12.84 1.57
C VAL C 89 -33.22 11.87 0.63
N ASP C 90 -34.52 12.09 0.44
CA ASP C 90 -35.32 11.22 -0.42
C ASP C 90 -35.24 9.78 0.05
N GLY C 91 -35.06 9.60 1.36
CA GLY C 91 -34.98 8.26 1.92
C GLY C 91 -33.75 7.47 1.48
N GLN C 92 -32.72 8.17 1.02
CA GLN C 92 -31.50 7.51 0.58
C GLN C 92 -30.52 7.32 1.74
N PRO C 93 -30.10 6.07 1.99
CA PRO C 93 -29.16 5.84 3.08
C PRO C 93 -27.81 6.51 2.82
N ILE C 94 -27.13 6.90 3.89
CA ILE C 94 -25.82 7.53 3.77
C ILE C 94 -24.78 6.41 3.73
N PHE C 95 -23.91 6.42 2.71
CA PHE C 95 -22.86 5.41 2.60
C PHE C 95 -21.62 5.78 3.40
N ALA C 96 -21.04 4.79 4.08
CA ALA C 96 -19.82 4.97 4.84
C ALA C 96 -18.87 3.94 4.23
N ASN C 97 -18.08 4.39 3.25
CA ASN C 97 -17.13 3.53 2.57
C ASN C 97 -15.81 3.45 3.33
N ILE C 98 -15.53 2.27 3.90
CA ILE C 98 -14.35 2.04 4.71
C ILE C 98 -13.20 1.47 3.88
N THR C 99 -12.04 2.13 3.94
CA THR C 99 -10.88 1.71 3.18
C THR C 99 -9.60 1.73 3.99
N LEU C 100 -8.58 1.07 3.46
CA LEU C 100 -7.27 1.09 4.09
C LEU C 100 -6.64 2.43 3.72
N PRO C 101 -5.80 2.98 4.60
CA PRO C 101 -5.16 4.24 4.23
C PRO C 101 -3.85 3.77 3.59
N VAL C 102 -3.07 4.69 3.04
CA VAL C 102 -1.77 4.30 2.49
C VAL C 102 -0.85 4.33 3.71
N TYR C 103 -0.54 3.17 4.26
CA TYR C 103 0.32 3.11 5.42
C TYR C 103 1.74 3.40 4.96
N THR C 104 2.58 3.93 5.84
CA THR C 104 3.99 4.16 5.49
C THR C 104 4.60 2.76 5.38
N LEU C 105 5.70 2.60 4.62
CA LEU C 105 6.29 1.27 4.51
C LEU C 105 6.70 0.80 5.91
N LYS C 106 7.25 1.69 6.71
CA LYS C 106 7.67 1.30 8.05
C LYS C 106 6.47 0.80 8.87
N GLU C 107 5.34 1.49 8.80
CA GLU C 107 4.17 1.06 9.60
C GLU C 107 3.65 -0.30 9.13
N ARG C 108 3.64 -0.51 7.83
CA ARG C 108 3.20 -1.79 7.25
C ARG C 108 4.11 -2.94 7.69
N CYS C 109 5.44 -2.72 7.71
CA CYS C 109 6.34 -3.77 8.17
C CYS C 109 6.10 -4.07 9.64
N LEU C 110 5.84 -3.03 10.44
CA LEU C 110 5.58 -3.23 11.85
C LEU C 110 4.33 -4.08 12.06
N GLN C 111 3.31 -3.84 11.23
CA GLN C 111 2.07 -4.61 11.33
C GLN C 111 2.34 -6.09 11.12
N VAL C 112 3.10 -6.39 10.07
CA VAL C 112 3.43 -7.77 9.73
C VAL C 112 4.25 -8.44 10.82
N VAL C 113 5.28 -7.76 11.31
CA VAL C 113 6.10 -8.35 12.36
C VAL C 113 5.27 -8.62 13.62
N ARG C 114 4.38 -7.68 13.96
CA ARG C 114 3.53 -7.86 15.13
C ARG C 114 2.58 -9.05 14.96
N SER C 115 2.11 -9.27 13.74
CA SER C 115 1.18 -10.38 13.49
C SER C 115 1.88 -11.74 13.56
N LEU C 116 3.21 -11.74 13.55
CA LEU C 116 3.96 -12.99 13.59
C LEU C 116 4.68 -13.26 14.90
N VAL C 117 4.97 -12.20 15.64
CA VAL C 117 5.72 -12.33 16.89
C VAL C 117 4.95 -11.96 18.14
N LYS C 118 5.11 -12.79 19.18
CA LYS C 118 4.47 -12.52 20.46
C LYS C 118 5.23 -11.33 21.05
N PRO C 119 4.52 -10.42 21.73
CA PRO C 119 5.17 -9.24 22.32
C PRO C 119 6.37 -9.59 23.20
N GLU C 120 6.23 -10.62 24.02
CA GLU C 120 7.32 -11.01 24.91
C GLU C 120 8.57 -11.47 24.15
N ASN C 121 8.48 -11.54 22.83
CA ASN C 121 9.61 -11.97 22.02
C ASN C 121 10.18 -10.88 21.12
N TYR C 122 9.58 -9.70 21.14
CA TYR C 122 10.06 -8.58 20.32
C TYR C 122 11.57 -8.35 20.48
N ARG C 123 12.02 -8.29 21.73
CA ARG C 123 13.42 -8.03 22.04
C ARG C 123 14.37 -9.14 21.57
N ARG C 124 13.82 -10.24 21.07
CA ARG C 124 14.65 -11.35 20.60
C ARG C 124 15.00 -11.19 19.11
N LEU C 125 14.38 -10.21 18.47
CA LEU C 125 14.61 -9.93 17.05
C LEU C 125 15.94 -9.23 16.82
N ASP C 126 16.65 -9.62 15.77
CA ASP C 126 17.95 -9.02 15.49
C ASP C 126 17.77 -7.76 14.64
N ILE C 127 17.20 -6.74 15.25
CA ILE C 127 16.97 -5.47 14.56
C ILE C 127 17.49 -4.34 15.44
N VAL C 128 17.67 -3.16 14.84
CA VAL C 128 18.17 -2.01 15.57
C VAL C 128 17.32 -1.69 16.80
N ARG C 129 17.98 -1.35 17.90
CA ARG C 129 17.35 -1.01 19.17
C ARG C 129 16.06 -0.20 19.11
N SER C 130 16.12 0.94 18.41
CA SER C 130 14.97 1.85 18.27
C SER C 130 13.67 1.24 17.78
N LEU C 131 13.77 0.20 16.95
CA LEU C 131 12.58 -0.45 16.41
C LEU C 131 11.81 -1.27 17.45
N TYR C 132 12.49 -1.69 18.50
CA TYR C 132 11.84 -2.45 19.56
C TYR C 132 10.70 -1.62 20.13
N GLU C 133 10.99 -0.35 20.39
CA GLU C 133 10.00 0.58 20.93
C GLU C 133 8.84 0.78 19.96
N ASP C 134 9.17 0.86 18.66
CA ASP C 134 8.16 1.05 17.63
C ASP C 134 7.20 -0.14 17.63
N LEU C 135 7.76 -1.34 17.72
CA LEU C 135 6.92 -2.54 17.74
C LEU C 135 5.96 -2.50 18.92
N GLU C 136 6.47 -2.09 20.08
CA GLU C 136 5.67 -2.02 21.30
C GLU C 136 4.61 -0.92 21.32
N ASP C 137 4.79 0.11 20.51
CA ASP C 137 3.85 1.22 20.44
C ASP C 137 2.71 0.90 19.46
N HIS C 138 1.93 -0.13 19.78
CA HIS C 138 0.85 -0.57 18.89
C HIS C 138 -0.32 0.40 18.86
N PRO C 139 -1.11 0.38 17.77
CA PRO C 139 -2.27 1.26 17.60
C PRO C 139 -3.24 1.21 18.78
N ASN C 140 -3.72 2.37 19.16
CA ASN C 140 -4.63 2.50 20.30
C ASN C 140 -5.68 3.57 20.00
N VAL C 141 -6.95 3.20 20.09
CA VAL C 141 -8.05 4.13 19.82
C VAL C 141 -8.05 5.34 20.76
N GLN C 142 -7.80 5.11 22.05
CA GLN C 142 -7.77 6.20 23.00
C GLN C 142 -6.72 7.24 22.62
N LYS C 143 -5.54 6.79 22.24
CA LYS C 143 -4.47 7.70 21.86
C LYS C 143 -4.84 8.44 20.58
N ASP C 144 -5.58 7.79 19.68
CA ASP C 144 -6.00 8.42 18.44
C ASP C 144 -6.97 9.56 18.73
N LEU C 145 -7.95 9.30 19.59
CA LEU C 145 -8.93 10.31 19.93
C LEU C 145 -8.26 11.56 20.50
N GLU C 146 -7.26 11.36 21.33
CA GLU C 146 -6.54 12.47 21.94
C GLU C 146 -5.79 13.24 20.86
N ARG C 147 -5.17 12.51 19.94
CA ARG C 147 -4.43 13.11 18.84
C ARG C 147 -5.39 13.92 17.97
N LEU C 148 -6.50 13.30 17.58
CA LEU C 148 -7.50 13.96 16.75
C LEU C 148 -8.04 15.21 17.43
N THR C 149 -8.19 15.15 18.76
CA THR C 149 -8.70 16.30 19.49
C THR C 149 -7.74 17.47 19.46
N GLN C 150 -6.44 17.19 19.58
CA GLN C 150 -5.43 18.25 19.53
C GLN C 150 -5.47 18.87 18.14
N GLU C 151 -5.37 18.03 17.12
CA GLU C 151 -5.41 18.49 15.73
C GLU C 151 -6.69 19.29 15.56
N ARG C 152 -7.77 18.78 16.13
CA ARG C 152 -9.08 19.41 16.06
C ARG C 152 -8.99 20.84 16.61
N ILE C 153 -8.72 20.96 17.90
CA ILE C 153 -8.61 22.26 18.53
C ILE C 153 -7.52 23.08 17.86
N ALA C 154 -6.28 22.62 17.99
CA ALA C 154 -5.12 23.29 17.41
C ALA C 154 -5.11 23.32 15.88
N HIS C 155 -6.04 24.08 15.31
CA HIS C 155 -6.12 24.22 13.86
C HIS C 155 -7.08 25.37 13.56
N GLN C 156 -7.15 26.30 14.50
CA GLN C 156 -8.01 27.47 14.40
C GLN C 156 -7.33 28.68 15.03
N MET D 6 -31.83 8.96 25.73
CA MET D 6 -30.66 9.03 24.81
C MET D 6 -30.61 7.78 23.92
N LEU D 7 -30.91 7.97 22.64
CA LEU D 7 -30.97 6.87 21.68
C LEU D 7 -29.64 6.52 21.00
N ALA D 8 -29.21 5.26 21.15
CA ALA D 8 -27.95 4.79 20.56
C ALA D 8 -28.20 4.04 19.23
N HYP D 9 -27.15 3.87 18.41
CA HYP D 9 -27.31 3.17 17.13
C HYP D 9 -27.68 1.71 17.33
O HYP D 9 -27.35 1.11 18.35
CB HYP D 9 -25.94 3.30 16.46
CG HYP D 9 -25.40 4.56 17.00
CD HYP D 9 -25.83 4.53 18.47
OD1 HYP D 9 -26.00 5.68 16.33
N TYR D 10 -28.34 1.12 16.34
CA TYR D 10 -28.71 -0.28 16.41
C TYR D 10 -28.76 -0.89 15.02
N ILE D 11 -28.59 -2.20 14.94
CA ILE D 11 -28.56 -2.89 13.67
C ILE D 11 -29.79 -3.74 13.43
N PRO D 12 -30.54 -3.43 12.35
CA PRO D 12 -31.74 -4.20 12.05
C PRO D 12 -31.40 -5.64 11.63
N MET D 13 -32.22 -6.60 12.04
CA MET D 13 -31.98 -7.98 11.67
C MET D 13 -32.10 -7.99 10.15
N ASP D 14 -30.97 -8.14 9.48
CA ASP D 14 -30.96 -8.14 8.03
C ASP D 14 -29.73 -8.87 7.52
N ASP D 15 -29.85 -9.44 6.33
CA ASP D 15 -28.76 -10.17 5.71
C ASP D 15 -27.76 -9.19 5.10
N ASP D 16 -26.48 -9.38 5.43
CA ASP D 16 -25.44 -8.54 4.88
C ASP D 16 -25.36 -8.83 3.40
N PHE D 17 -24.76 -7.94 2.63
CA PHE D 17 -24.63 -8.13 1.20
C PHE D 17 -23.18 -7.93 0.76
N GLN D 18 -22.79 -8.68 -0.27
CA GLN D 18 -21.43 -8.60 -0.80
C GLN D 18 -21.26 -7.35 -1.65
N LEU D 19 -20.10 -6.71 -1.54
CA LEU D 19 -19.81 -5.51 -2.32
C LEU D 19 -19.30 -5.94 -3.69
N ARG D 20 -20.02 -5.54 -4.74
CA ARG D 20 -19.64 -5.89 -6.10
C ARG D 20 -18.92 -4.73 -6.79
#